data_9F7E
#
_entry.id   9F7E
#
_cell.length_a   41.154
_cell.length_b   77.902
_cell.length_c   69.100
_cell.angle_alpha   90.000
_cell.angle_beta   92.510
_cell.angle_gamma   90.000
#
_symmetry.space_group_name_H-M   'P 1 21 1'
#
loop_
_entity.id
_entity.type
_entity.pdbx_description
1 polymer 'CtdA Canavanyl tRNA Deacylase'
2 non-polymer 'SULFATE ION'
3 water water
#
_entity_poly.entity_id   1
_entity_poly.type   'polypeptide(L)'
_entity_poly.pdbx_seq_one_letter_code
;MLSVLPLIDQAVAELAPGFRALSIVVQAAPLTQPEVARTALDRACQSVLAGGPAWGEAHLQQWADTFRQFGAKPQRTPCS
AEALRKRVLRDGGLPSLDPVVDLYNAISIEYAIPVGGENIEAYVGSPRLVIADGSEPFDTMKEGAPAHEFPDAGEVVWRD
DQGVTCRRWNWRQGVRTRLDADARHMWFILESLPAMPLEALTEAGDRLIEGLQAMMPGVQIESALVGPGGH
;
_entity_poly.pdbx_strand_id   A,B
#
# COMPACT_ATOMS: atom_id res chain seq x y z
N MET A 1 0.15 -11.56 5.37
CA MET A 1 1.27 -10.66 5.76
C MET A 1 2.19 -10.43 4.57
N LEU A 2 2.53 -11.53 3.89
CA LEU A 2 3.23 -11.38 2.62
C LEU A 2 2.35 -10.72 1.58
N SER A 3 1.03 -10.66 1.82
CA SER A 3 0.12 -9.96 0.92
C SER A 3 -1.33 -10.04 1.37
N VAL A 4 -1.67 -9.43 2.49
CA VAL A 4 -3.08 -9.37 2.87
C VAL A 4 -3.77 -8.36 1.96
N LEU A 5 -4.79 -8.81 1.23
CA LEU A 5 -5.59 -7.96 0.35
C LEU A 5 -7.06 -8.23 0.63
N PRO A 6 -7.75 -7.35 1.35
CA PRO A 6 -9.16 -7.62 1.66
C PRO A 6 -10.03 -7.63 0.42
N LEU A 7 -11.12 -8.39 0.49
CA LEU A 7 -12.10 -8.49 -0.58
C LEU A 7 -13.39 -7.79 -0.16
N ILE A 8 -13.86 -6.87 -0.98
CA ILE A 8 -15.10 -6.16 -0.75
C ILE A 8 -16.13 -6.72 -1.69
N ASP A 9 -17.13 -7.41 -1.13
CA ASP A 9 -18.19 -7.96 -1.95
C ASP A 9 -18.92 -6.87 -2.73
N GLN A 10 -19.39 -7.23 -3.92
CA GLN A 10 -20.06 -6.25 -4.76
C GLN A 10 -21.29 -5.66 -4.08
N ALA A 11 -22.01 -6.45 -3.29
CA ALA A 11 -23.20 -5.90 -2.64
C ALA A 11 -22.88 -4.81 -1.63
N VAL A 12 -21.74 -4.91 -0.93
CA VAL A 12 -21.36 -3.82 -0.04
C VAL A 12 -20.92 -2.61 -0.83
N ALA A 13 -20.16 -2.80 -1.91
CA ALA A 13 -19.79 -1.69 -2.77
C ALA A 13 -21.03 -0.97 -3.33
N GLU A 14 -22.07 -1.72 -3.65
CA GLU A 14 -23.30 -1.08 -4.14
C GLU A 14 -24.01 -0.32 -3.03
N LEU A 15 -24.00 -0.85 -1.81
CA LEU A 15 -24.66 -0.15 -0.69
C LEU A 15 -23.96 1.17 -0.40
N ALA A 16 -22.64 1.18 -0.45
CA ALA A 16 -21.81 2.34 -0.10
C ALA A 16 -20.81 2.58 -1.21
N PRO A 17 -21.26 3.15 -2.32
CA PRO A 17 -20.35 3.30 -3.49
C PRO A 17 -19.20 4.30 -3.30
N GLY A 18 -19.26 5.13 -2.26
CA GLY A 18 -18.17 6.04 -1.94
C GLY A 18 -17.20 5.53 -0.91
N PHE A 19 -17.35 4.30 -0.46
CA PHE A 19 -16.45 3.72 0.53
C PHE A 19 -15.04 3.57 -0.02
N ARG A 20 -14.06 4.04 0.77
CA ARG A 20 -12.64 4.00 0.42
CA ARG A 20 -12.66 3.94 0.42
C ARG A 20 -11.91 3.70 1.71
N ALA A 21 -10.98 2.77 1.70
CA ALA A 21 -10.32 2.41 2.94
C ALA A 21 -8.85 2.19 2.70
N LEU A 22 -8.02 2.57 3.68
CA LEU A 22 -6.61 2.24 3.67
CA LEU A 22 -6.61 2.22 3.65
C LEU A 22 -6.43 0.94 4.45
N SER A 23 -5.80 -0.06 3.82
CA SER A 23 -5.51 -1.35 4.38
C SER A 23 -4.01 -1.39 4.64
N ILE A 24 -3.64 -1.45 5.92
CA ILE A 24 -2.25 -1.37 6.34
C ILE A 24 -1.91 -2.66 7.08
N VAL A 25 -0.93 -3.39 6.57
CA VAL A 25 -0.46 -4.65 7.12
C VAL A 25 0.94 -4.43 7.69
N VAL A 26 1.16 -4.88 8.92
CA VAL A 26 2.35 -4.54 9.69
C VAL A 26 2.98 -5.81 10.24
N GLN A 27 4.28 -5.95 10.05
CA GLN A 27 5.08 -6.97 10.72
C GLN A 27 5.76 -6.25 11.88
N ALA A 28 5.35 -6.57 13.10
CA ALA A 28 5.80 -5.79 14.24
C ALA A 28 7.30 -6.00 14.51
N ALA A 29 7.84 -5.04 15.24
CA ALA A 29 9.20 -5.09 15.78
C ALA A 29 9.09 -4.75 17.26
N PRO A 30 10.16 -4.94 18.01
CA PRO A 30 10.08 -4.68 19.44
C PRO A 30 9.61 -3.27 19.74
N LEU A 31 8.70 -3.15 20.71
CA LEU A 31 8.00 -1.91 21.01
C LEU A 31 8.76 -1.15 22.08
N THR A 32 9.63 -0.24 21.65
CA THR A 32 10.58 0.38 22.57
C THR A 32 10.18 1.77 23.04
N GLN A 33 9.19 2.42 22.40
CA GLN A 33 8.77 3.75 22.80
C GLN A 33 7.25 3.85 22.92
N PRO A 34 6.67 3.21 23.93
CA PRO A 34 5.21 3.28 24.10
C PRO A 34 4.71 4.69 24.43
N GLU A 35 5.56 5.59 24.91
CA GLU A 35 5.06 6.94 25.20
C GLU A 35 4.55 7.64 23.94
N VAL A 36 5.00 7.20 22.77
CA VAL A 36 4.50 7.77 21.51
C VAL A 36 2.98 7.71 21.46
N ALA A 37 2.42 6.60 21.92
CA ALA A 37 0.97 6.42 21.81
C ALA A 37 0.21 7.31 22.79
N ARG A 38 0.73 7.46 24.01
CA ARG A 38 0.07 8.34 24.97
C ARG A 38 0.10 9.77 24.49
N THR A 39 1.25 10.22 23.98
CA THR A 39 1.38 11.57 23.44
C THR A 39 0.42 11.78 22.27
N ALA A 40 0.33 10.80 21.38
CA ALA A 40 -0.61 10.90 20.26
C ALA A 40 -2.05 10.98 20.74
N LEU A 41 -2.40 10.18 21.76
CA LEU A 41 -3.75 10.21 22.25
C LEU A 41 -4.06 11.54 22.94
N ASP A 42 -3.10 12.09 23.69
CA ASP A 42 -3.32 13.39 24.31
C ASP A 42 -3.62 14.45 23.25
N ARG A 43 -2.80 14.48 22.19
CA ARG A 43 -2.94 15.46 21.12
C ARG A 43 -4.27 15.30 20.42
N ALA A 44 -4.66 14.07 20.14
CA ALA A 44 -5.91 13.81 19.44
C ALA A 44 -7.10 14.31 20.23
N CYS A 45 -7.14 14.01 21.53
CA CYS A 45 -8.28 14.44 22.33
C CYS A 45 -8.35 15.96 22.44
N GLN A 46 -7.22 16.63 22.62
CA GLN A 46 -7.24 18.09 22.68
CA GLN A 46 -7.23 18.09 22.67
C GLN A 46 -7.78 18.68 21.38
N SER A 47 -7.39 18.10 20.24
CA SER A 47 -7.86 18.60 18.95
C SER A 47 -9.37 18.48 18.75
N VAL A 48 -9.99 17.44 19.31
CA VAL A 48 -11.43 17.25 19.18
C VAL A 48 -12.19 18.08 20.20
N LEU A 49 -11.63 18.29 21.38
CA LEU A 49 -12.32 19.14 22.36
C LEU A 49 -12.40 20.55 21.84
N ALA A 50 -11.50 20.90 20.93
CA ALA A 50 -11.48 22.20 20.29
C ALA A 50 -12.45 22.31 19.13
N GLY A 51 -13.11 21.22 18.75
CA GLY A 51 -14.18 21.22 17.76
C GLY A 51 -13.86 20.50 16.45
N GLY A 52 -12.63 20.08 16.25
CA GLY A 52 -12.22 19.53 14.97
C GLY A 52 -12.39 18.03 14.88
N PRO A 53 -11.99 17.45 13.73
CA PRO A 53 -11.50 18.11 12.51
C PRO A 53 -12.68 18.62 11.65
N ALA A 54 -12.40 19.41 10.60
CA ALA A 54 -13.47 20.11 9.91
C ALA A 54 -14.45 19.16 9.24
N TRP A 55 -14.01 17.98 8.81
CA TRP A 55 -14.85 17.00 8.14
C TRP A 55 -15.53 16.07 9.11
N GLY A 56 -15.25 16.19 10.42
CA GLY A 56 -15.66 15.15 11.35
C GLY A 56 -17.18 14.96 11.43
N GLU A 57 -17.90 16.06 11.66
CA GLU A 57 -19.35 15.97 11.81
CA GLU A 57 -19.34 15.93 11.83
C GLU A 57 -19.98 15.34 10.58
N ALA A 58 -19.58 15.80 9.40
CA ALA A 58 -20.18 15.30 8.17
C ALA A 58 -19.80 13.84 7.93
N HIS A 59 -18.57 13.47 8.26
CA HIS A 59 -18.13 12.10 8.04
C HIS A 59 -18.83 11.13 8.96
N LEU A 60 -18.94 11.46 10.27
CA LEU A 60 -19.66 10.59 11.16
C LEU A 60 -21.15 10.54 10.83
N GLN A 61 -21.72 11.64 10.30
CA GLN A 61 -23.10 11.60 9.82
C GLN A 61 -23.26 10.60 8.67
N GLN A 62 -22.27 10.56 7.76
CA GLN A 62 -22.36 9.59 6.68
C GLN A 62 -22.31 8.17 7.21
N TRP A 63 -21.45 7.91 8.22
CA TRP A 63 -21.37 6.57 8.81
C TRP A 63 -22.68 6.22 9.49
N ALA A 64 -23.34 7.20 10.12
CA ALA A 64 -24.62 6.92 10.73
C ALA A 64 -25.67 6.61 9.66
N ASP A 65 -25.65 7.36 8.55
CA ASP A 65 -26.57 7.07 7.44
C ASP A 65 -26.34 5.68 6.88
N THR A 66 -25.07 5.28 6.75
CA THR A 66 -24.74 3.99 6.16
C THR A 66 -25.18 2.87 7.07
N PHE A 67 -25.02 3.05 8.37
CA PHE A 67 -25.51 2.06 9.33
C PHE A 67 -27.02 1.88 9.19
N ARG A 68 -27.76 2.98 9.10
CA ARG A 68 -29.21 2.87 8.92
C ARG A 68 -29.54 2.16 7.60
N GLN A 69 -28.73 2.35 6.55
CA GLN A 69 -29.02 1.70 5.28
C GLN A 69 -28.99 0.18 5.40
N PHE A 70 -28.08 -0.36 6.25
CA PHE A 70 -28.04 -1.82 6.41
C PHE A 70 -28.85 -2.29 7.62
N GLY A 71 -29.69 -1.41 8.18
CA GLY A 71 -30.67 -1.80 9.16
C GLY A 71 -30.28 -1.56 10.60
N ALA A 72 -29.16 -0.92 10.86
CA ALA A 72 -28.71 -0.73 12.23
C ALA A 72 -29.26 0.58 12.78
N LYS A 73 -29.20 0.71 14.11
CA LYS A 73 -29.57 1.96 14.77
C LYS A 73 -28.31 2.56 15.34
N PRO A 74 -27.69 3.53 14.67
CA PRO A 74 -26.37 4.01 15.15
CA PRO A 74 -26.38 4.02 15.15
C PRO A 74 -26.46 4.71 16.49
N GLN A 75 -27.64 5.18 16.89
CA GLN A 75 -27.78 5.77 18.21
C GLN A 75 -27.51 4.76 19.32
N ARG A 76 -27.76 3.48 19.06
CA ARG A 76 -27.47 2.41 20.02
C ARG A 76 -26.15 1.70 19.74
N THR A 77 -25.84 1.45 18.47
CA THR A 77 -24.66 0.71 18.06
C THR A 77 -23.93 1.53 17.02
N PRO A 78 -23.08 2.48 17.44
CA PRO A 78 -22.43 3.40 16.50
C PRO A 78 -21.14 2.83 15.92
N CYS A 79 -20.67 3.49 14.86
CA CYS A 79 -19.36 3.17 14.33
C CYS A 79 -18.31 3.45 15.41
N SER A 80 -17.14 2.82 15.27
CA SER A 80 -16.12 2.90 16.33
C SER A 80 -15.63 4.32 16.53
N ALA A 81 -15.59 5.13 15.46
CA ALA A 81 -15.11 6.50 15.57
C ALA A 81 -16.06 7.34 16.40
N GLU A 82 -17.37 7.13 16.21
CA GLU A 82 -18.36 7.86 16.97
C GLU A 82 -18.34 7.47 18.42
N ALA A 83 -18.18 6.18 18.70
CA ALA A 83 -18.11 5.74 20.08
C ALA A 83 -16.93 6.39 20.81
N LEU A 84 -15.79 6.49 20.15
CA LEU A 84 -14.65 7.15 20.77
C LEU A 84 -14.89 8.64 20.95
N ARG A 85 -15.39 9.32 19.92
CA ARG A 85 -15.60 10.75 20.00
CA ARG A 85 -15.59 10.75 20.01
C ARG A 85 -16.57 11.09 21.12
N LYS A 86 -17.64 10.30 21.27
CA LYS A 86 -18.60 10.57 22.34
C LYS A 86 -17.91 10.51 23.70
N ARG A 87 -17.07 9.50 23.90
CA ARG A 87 -16.38 9.35 25.19
C ARG A 87 -15.45 10.52 25.44
N VAL A 88 -14.69 10.92 24.41
CA VAL A 88 -13.74 12.02 24.59
C VAL A 88 -14.47 13.30 24.97
N LEU A 89 -15.56 13.61 24.27
CA LEU A 89 -16.28 14.85 24.52
C LEU A 89 -16.94 14.83 25.90
N ARG A 90 -17.38 13.66 26.34
CA ARG A 90 -18.04 13.54 27.64
C ARG A 90 -17.04 13.69 28.77
N ASP A 91 -15.94 12.96 28.67
CA ASP A 91 -14.98 12.87 29.77
C ASP A 91 -13.82 13.84 29.70
N GLY A 92 -13.46 14.31 28.51
CA GLY A 92 -12.34 15.22 28.38
C GLY A 92 -11.03 14.54 28.06
N GLY A 93 -11.08 13.25 27.73
CA GLY A 93 -9.89 12.50 27.39
C GLY A 93 -10.26 11.04 27.24
N LEU A 94 -9.23 10.21 27.02
CA LEU A 94 -9.41 8.78 26.83
C LEU A 94 -8.37 8.04 27.65
N PRO A 95 -8.77 7.03 28.41
CA PRO A 95 -7.77 6.20 29.09
C PRO A 95 -6.94 5.34 28.16
N SER A 96 -5.75 5.00 28.67
CA SER A 96 -4.84 4.08 27.99
C SER A 96 -5.32 2.65 28.18
N LEU A 97 -5.17 1.84 27.14
CA LEU A 97 -5.49 0.42 27.21
CA LEU A 97 -5.49 0.42 27.21
C LEU A 97 -4.30 -0.47 26.91
N ASP A 98 -3.63 -0.23 25.78
CA ASP A 98 -2.47 -0.93 25.27
C ASP A 98 -1.82 0.01 24.26
N PRO A 99 -0.50 -0.02 24.08
CA PRO A 99 0.11 1.03 23.26
C PRO A 99 -0.34 1.03 21.81
N VAL A 100 -0.49 -0.14 21.19
CA VAL A 100 -0.90 -0.13 19.78
C VAL A 100 -2.34 0.35 19.65
N VAL A 101 -3.23 -0.09 20.53
CA VAL A 101 -4.62 0.33 20.49
C VAL A 101 -4.74 1.82 20.77
N ASP A 102 -3.99 2.31 21.76
CA ASP A 102 -4.03 3.72 22.06
C ASP A 102 -3.64 4.55 20.84
N LEU A 103 -2.64 4.07 20.08
CA LEU A 103 -2.20 4.81 18.90
C LEU A 103 -3.27 4.82 17.81
N TYR A 104 -3.87 3.67 17.49
CA TYR A 104 -4.84 3.72 16.41
C TYR A 104 -6.14 4.36 16.86
N ASN A 105 -6.48 4.29 18.16
CA ASN A 105 -7.59 5.10 18.66
C ASN A 105 -7.30 6.59 18.51
N ALA A 106 -6.06 7.00 18.79
CA ALA A 106 -5.70 8.41 18.63
C ALA A 106 -5.95 8.86 17.21
N ILE A 107 -5.53 8.05 16.25
CA ILE A 107 -5.77 8.40 14.84
C ILE A 107 -7.27 8.50 14.57
N SER A 108 -8.05 7.53 15.07
CA SER A 108 -9.50 7.57 14.84
C SER A 108 -10.11 8.84 15.41
N ILE A 109 -9.61 9.29 16.58
CA ILE A 109 -10.15 10.47 17.20
C ILE A 109 -9.72 11.71 16.43
N GLU A 110 -8.42 11.87 16.21
CA GLU A 110 -7.95 13.10 15.60
C GLU A 110 -8.51 13.25 14.19
N TYR A 111 -8.62 12.16 13.45
CA TYR A 111 -9.02 12.26 12.03
C TYR A 111 -10.48 11.81 11.82
N ALA A 112 -11.24 11.65 12.89
CA ALA A 112 -12.69 11.36 12.82
C ALA A 112 -12.99 10.29 11.79
N ILE A 113 -12.34 9.15 11.99
CA ILE A 113 -12.39 8.05 11.03
C ILE A 113 -12.41 6.72 11.76
N PRO A 114 -13.27 5.77 11.37
CA PRO A 114 -13.17 4.42 11.96
C PRO A 114 -11.84 3.78 11.64
N VAL A 115 -11.16 3.26 12.69
CA VAL A 115 -9.89 2.53 12.53
C VAL A 115 -9.97 1.23 13.32
N GLY A 116 -9.83 0.12 12.60
CA GLY A 116 -9.88 -1.20 13.20
C GLY A 116 -8.50 -1.83 13.21
N GLY A 117 -8.18 -2.55 14.30
CA GLY A 117 -6.90 -3.25 14.39
C GLY A 117 -7.15 -4.70 14.68
N GLU A 118 -6.53 -5.63 13.93
CA GLU A 118 -6.80 -7.05 14.09
C GLU A 118 -5.51 -7.83 13.96
N ASN A 119 -5.49 -9.00 14.60
CA ASN A 119 -4.39 -9.95 14.50
C ASN A 119 -4.57 -10.81 13.24
N ILE A 120 -3.71 -10.58 12.25
CA ILE A 120 -3.84 -11.30 10.98
C ILE A 120 -3.71 -12.81 11.19
N GLU A 121 -2.83 -13.22 12.10
CA GLU A 121 -2.61 -14.64 12.31
C GLU A 121 -3.88 -15.36 12.76
N ALA A 122 -4.80 -14.66 13.42
CA ALA A 122 -6.03 -15.31 13.86
C ALA A 122 -7.02 -15.52 12.73
N TYR A 123 -6.88 -14.80 11.63
CA TYR A 123 -7.79 -14.96 10.50
C TYR A 123 -7.59 -16.34 9.89
N VAL A 124 -8.71 -16.94 9.48
CA VAL A 124 -8.72 -18.17 8.69
C VAL A 124 -9.10 -17.75 7.27
N GLY A 125 -8.12 -17.66 6.39
CA GLY A 125 -8.35 -17.15 5.06
C GLY A 125 -8.37 -15.63 5.06
N SER A 126 -8.78 -15.06 3.91
CA SER A 126 -8.66 -13.61 3.74
C SER A 126 -9.86 -12.88 4.31
N PRO A 127 -9.67 -11.65 4.79
CA PRO A 127 -10.83 -10.86 5.25
C PRO A 127 -11.73 -10.50 4.08
N ARG A 128 -13.04 -10.59 4.30
CA ARG A 128 -14.01 -10.26 3.27
C ARG A 128 -15.10 -9.41 3.90
N LEU A 129 -15.48 -8.33 3.22
CA LEU A 129 -16.53 -7.42 3.65
C LEU A 129 -17.81 -7.76 2.91
N VAL A 130 -18.83 -8.21 3.63
CA VAL A 130 -19.99 -8.81 2.99
C VAL A 130 -21.31 -8.37 3.61
N ILE A 131 -22.41 -8.68 2.90
CA ILE A 131 -23.75 -8.56 3.45
C ILE A 131 -24.12 -9.89 4.12
N ALA A 132 -24.36 -9.86 5.44
CA ALA A 132 -24.73 -11.06 6.19
C ALA A 132 -26.12 -11.56 5.83
N ASP A 133 -26.29 -12.87 5.90
CA ASP A 133 -27.60 -13.47 5.76
C ASP A 133 -28.23 -13.77 7.11
N GLY A 134 -27.50 -13.60 8.22
CA GLY A 134 -28.11 -13.76 9.52
C GLY A 134 -27.84 -15.08 10.18
N SER A 135 -27.07 -15.96 9.53
CA SER A 135 -26.76 -17.28 10.10
C SER A 135 -25.27 -17.47 10.33
N GLU A 136 -24.48 -16.40 10.30
CA GLU A 136 -23.05 -16.51 10.50
C GLU A 136 -22.71 -16.34 11.97
N PRO A 137 -22.10 -17.33 12.63
CA PRO A 137 -21.72 -17.16 14.04
C PRO A 137 -20.70 -16.06 14.25
N PHE A 138 -20.87 -15.34 15.35
CA PHE A 138 -20.00 -14.25 15.75
C PHE A 138 -19.54 -14.59 17.15
N ASP A 139 -18.23 -14.86 17.28
CA ASP A 139 -17.64 -15.20 18.58
C ASP A 139 -17.35 -13.90 19.32
N THR A 140 -18.08 -13.66 20.41
CA THR A 140 -18.00 -12.38 21.12
C THR A 140 -18.07 -12.67 22.61
N MET A 141 -18.46 -11.66 23.39
CA MET A 141 -18.54 -11.75 24.84
C MET A 141 -19.90 -11.21 25.26
N LYS A 142 -20.45 -11.82 26.31
CA LYS A 142 -21.62 -11.26 26.97
C LYS A 142 -21.54 -11.68 28.43
N GLU A 143 -21.72 -10.72 29.33
CA GLU A 143 -21.62 -10.92 30.78
C GLU A 143 -20.32 -11.61 31.16
N GLY A 144 -19.25 -11.22 30.47
CA GLY A 144 -17.92 -11.70 30.77
C GLY A 144 -17.66 -13.16 30.44
N ALA A 145 -18.54 -13.81 29.69
CA ALA A 145 -18.33 -15.16 29.24
C ALA A 145 -18.37 -15.20 27.72
N PRO A 146 -17.80 -16.22 27.09
CA PRO A 146 -17.93 -16.36 25.64
C PRO A 146 -19.40 -16.37 25.24
N ALA A 147 -19.65 -15.88 24.03
CA ALA A 147 -20.98 -15.81 23.46
C ALA A 147 -20.88 -16.09 21.97
N HIS A 148 -21.91 -16.74 21.46
CA HIS A 148 -22.06 -17.05 20.04
C HIS A 148 -23.31 -16.31 19.57
N GLU A 149 -23.12 -15.25 18.81
CA GLU A 149 -24.25 -14.41 18.41
C GLU A 149 -24.34 -14.39 16.89
N PHE A 150 -25.43 -13.77 16.39
CA PHE A 150 -25.66 -13.65 14.96
C PHE A 150 -25.70 -12.18 14.55
N PRO A 151 -25.18 -11.83 13.38
CA PRO A 151 -25.56 -10.56 12.76
C PRO A 151 -26.99 -10.60 12.28
N ASP A 152 -27.54 -9.43 12.03
CA ASP A 152 -28.87 -9.37 11.46
C ASP A 152 -28.81 -9.63 9.96
N ALA A 153 -29.87 -10.17 9.40
CA ALA A 153 -29.91 -10.28 7.96
C ALA A 153 -29.79 -8.90 7.32
N GLY A 154 -28.88 -8.76 6.36
CA GLY A 154 -28.66 -7.48 5.69
C GLY A 154 -27.55 -6.65 6.28
N GLU A 155 -27.08 -7.00 7.47
CA GLU A 155 -26.01 -6.24 8.12
C GLU A 155 -24.69 -6.35 7.37
N VAL A 156 -23.94 -5.25 7.27
CA VAL A 156 -22.60 -5.32 6.70
C VAL A 156 -21.67 -5.86 7.78
N VAL A 157 -20.83 -6.86 7.42
CA VAL A 157 -19.89 -7.47 8.35
C VAL A 157 -18.57 -7.77 7.66
N TRP A 158 -17.49 -7.72 8.45
CA TRP A 158 -16.26 -8.38 8.04
C TRP A 158 -16.27 -9.83 8.49
N ARG A 159 -15.78 -10.73 7.63
CA ARG A 159 -15.73 -12.14 7.98
C ARG A 159 -14.51 -12.80 7.37
N ASP A 160 -14.23 -14.01 7.88
CA ASP A 160 -13.24 -14.88 7.27
C ASP A 160 -13.92 -16.21 6.94
N ASP A 161 -13.13 -17.27 6.78
CA ASP A 161 -13.72 -18.56 6.45
C ASP A 161 -14.60 -19.11 7.56
N GLN A 162 -14.27 -18.79 8.83
CA GLN A 162 -15.00 -19.36 9.95
C GLN A 162 -16.31 -18.62 10.24
N GLY A 163 -16.27 -17.29 10.29
CA GLY A 163 -17.45 -16.55 10.71
C GLY A 163 -17.20 -15.07 10.72
N VAL A 164 -18.12 -14.33 11.35
CA VAL A 164 -18.00 -12.89 11.43
C VAL A 164 -16.81 -12.54 12.32
N THR A 165 -16.00 -11.57 11.86
CA THR A 165 -14.93 -11.02 12.64
C THR A 165 -15.22 -9.62 13.14
N CYS A 166 -16.10 -8.88 12.47
CA CYS A 166 -16.50 -7.58 12.95
C CYS A 166 -17.94 -7.33 12.57
N ARG A 167 -18.76 -7.04 13.56
CA ARG A 167 -20.18 -6.82 13.34
C ARG A 167 -20.50 -5.35 13.06
N ARG A 168 -21.59 -5.15 12.31
CA ARG A 168 -22.06 -3.84 11.88
C ARG A 168 -20.93 -2.97 11.34
N TRP A 169 -20.18 -3.55 10.41
CA TRP A 169 -19.08 -2.93 9.66
C TRP A 169 -17.87 -2.62 10.54
N ASN A 170 -18.03 -1.69 11.46
CA ASN A 170 -16.91 -1.32 12.35
C ASN A 170 -17.43 -1.02 13.76
N TRP A 171 -18.57 -1.61 14.15
CA TRP A 171 -19.10 -1.36 15.48
C TRP A 171 -18.39 -2.20 16.54
N ARG A 172 -18.20 -3.48 16.30
CA ARG A 172 -17.62 -4.36 17.32
C ARG A 172 -16.86 -5.53 16.72
N GLN A 173 -15.58 -5.62 17.10
CA GLN A 173 -14.72 -6.69 16.64
C GLN A 173 -14.97 -7.92 17.49
N GLY A 174 -14.80 -9.07 16.89
CA GLY A 174 -14.91 -10.33 17.60
C GLY A 174 -13.73 -10.59 18.49
N VAL A 175 -13.82 -11.65 19.28
CA VAL A 175 -12.75 -11.98 20.21
C VAL A 175 -11.58 -12.68 19.52
N ARG A 176 -11.90 -13.58 18.59
CA ARG A 176 -10.88 -14.38 17.91
CA ARG A 176 -10.89 -14.38 17.90
C ARG A 176 -9.74 -13.52 17.37
N THR A 177 -10.06 -12.41 16.69
CA THR A 177 -9.07 -11.66 15.94
C THR A 177 -8.56 -10.40 16.63
N ARG A 178 -8.93 -10.19 17.89
CA ARG A 178 -8.48 -9.01 18.63
C ARG A 178 -6.96 -8.96 18.72
N LEU A 179 -6.45 -7.74 18.78
CA LEU A 179 -5.02 -7.44 18.87
C LEU A 179 -4.63 -7.40 20.34
N ASP A 180 -3.69 -8.27 20.73
CA ASP A 180 -3.22 -8.32 22.11
C ASP A 180 -1.88 -7.58 22.20
N ALA A 181 -1.20 -7.72 23.34
CA ALA A 181 -0.05 -6.86 23.64
C ALA A 181 1.04 -7.00 22.58
N ASP A 182 1.55 -8.21 22.37
CA ASP A 182 2.68 -8.45 21.48
C ASP A 182 2.30 -9.24 20.23
N ALA A 183 1.16 -8.93 19.62
CA ALA A 183 0.83 -9.55 18.33
C ALA A 183 1.89 -9.19 17.32
N ARG A 184 2.26 -10.15 16.49
CA ARG A 184 3.35 -9.95 15.55
C ARG A 184 2.90 -9.51 14.19
N HIS A 185 1.68 -9.84 13.79
CA HIS A 185 1.21 -9.58 12.44
C HIS A 185 -0.14 -8.90 12.55
N MET A 186 -0.18 -7.61 12.18
CA MET A 186 -1.30 -6.74 12.50
C MET A 186 -1.86 -6.17 11.22
N TRP A 187 -3.19 -6.06 11.18
CA TRP A 187 -3.93 -5.46 10.07
C TRP A 187 -4.69 -4.25 10.58
N PHE A 188 -4.49 -3.09 9.98
CA PHE A 188 -5.26 -1.90 10.33
C PHE A 188 -6.09 -1.51 9.14
N ILE A 189 -7.37 -1.26 9.37
CA ILE A 189 -8.27 -0.86 8.30
C ILE A 189 -8.90 0.48 8.66
N LEU A 190 -8.57 1.51 7.85
CA LEU A 190 -9.01 2.87 8.06
C LEU A 190 -10.14 3.13 7.08
N GLU A 191 -11.37 3.26 7.56
CA GLU A 191 -12.55 3.15 6.70
C GLU A 191 -13.23 4.51 6.55
N SER A 192 -13.42 4.96 5.31
CA SER A 192 -13.91 6.32 5.09
C SER A 192 -15.00 6.36 4.04
N LEU A 193 -15.75 7.46 4.09
CA LEU A 193 -16.82 7.80 3.19
C LEU A 193 -16.53 9.19 2.62
N PRO A 194 -17.25 9.64 1.59
CA PRO A 194 -16.76 10.78 0.80
C PRO A 194 -16.67 12.10 1.51
N ALA A 195 -17.37 12.31 2.62
CA ALA A 195 -17.20 13.55 3.36
C ALA A 195 -15.79 13.69 3.94
N MET A 196 -15.04 12.60 4.05
CA MET A 196 -13.64 12.74 4.42
C MET A 196 -12.80 12.75 3.15
N PRO A 197 -12.14 13.85 2.82
CA PRO A 197 -11.39 13.88 1.56
C PRO A 197 -10.22 12.91 1.60
N LEU A 198 -9.83 12.47 0.39
CA LEU A 198 -8.72 11.55 0.23
C LEU A 198 -7.46 12.06 0.91
N GLU A 199 -7.19 13.36 0.81
CA GLU A 199 -5.97 13.84 1.45
C GLU A 199 -6.00 13.66 2.97
N ALA A 200 -7.19 13.76 3.59
CA ALA A 200 -7.29 13.53 5.02
C ALA A 200 -7.12 12.05 5.35
N LEU A 201 -7.65 11.17 4.50
CA LEU A 201 -7.43 9.74 4.70
C LEU A 201 -5.94 9.42 4.59
N THR A 202 -5.29 9.97 3.58
CA THR A 202 -3.88 9.75 3.41
C THR A 202 -3.10 10.24 4.62
N GLU A 203 -3.46 11.41 5.16
CA GLU A 203 -2.72 11.90 6.32
CA GLU A 203 -2.74 11.91 6.33
C GLU A 203 -2.96 11.03 7.55
N ALA A 204 -4.18 10.52 7.73
CA ALA A 204 -4.44 9.60 8.83
C ALA A 204 -3.53 8.38 8.75
N GLY A 205 -3.45 7.80 7.56
CA GLY A 205 -2.62 6.63 7.36
C GLY A 205 -1.16 6.93 7.59
N ASP A 206 -0.69 8.08 7.11
CA ASP A 206 0.70 8.46 7.31
C ASP A 206 1.01 8.67 8.78
N ARG A 207 0.09 9.28 9.53
CA ARG A 207 0.30 9.52 10.96
C ARG A 207 0.31 8.21 11.73
N LEU A 208 -0.51 7.24 11.32
CA LEU A 208 -0.47 5.92 11.97
C LEU A 208 0.85 5.23 11.69
N ILE A 209 1.27 5.25 10.42
CA ILE A 209 2.53 4.61 10.05
C ILE A 209 3.71 5.29 10.76
N GLU A 210 3.72 6.63 10.80
CA GLU A 210 4.80 7.33 11.47
C GLU A 210 4.83 6.99 12.97
N GLY A 211 3.66 6.84 13.58
CA GLY A 211 3.61 6.46 14.98
C GLY A 211 4.15 5.06 15.22
N LEU A 212 3.80 4.13 14.33
CA LEU A 212 4.29 2.76 14.49
C LEU A 212 5.81 2.71 14.30
N GLN A 213 6.33 3.47 13.35
CA GLN A 213 7.77 3.46 13.10
C GLN A 213 8.54 4.07 14.25
N ALA A 214 7.93 5.00 14.99
CA ALA A 214 8.58 5.56 16.18
C ALA A 214 8.46 4.62 17.38
N MET A 215 7.32 3.93 17.50
CA MET A 215 7.08 3.04 18.63
CA MET A 215 7.09 3.06 18.64
C MET A 215 7.91 1.77 18.55
N MET A 216 8.04 1.21 17.36
CA MET A 216 8.70 -0.07 17.14
C MET A 216 9.61 0.10 15.93
N PRO A 217 10.78 0.72 16.13
CA PRO A 217 11.73 0.86 15.02
C PRO A 217 12.01 -0.48 14.36
N GLY A 218 12.11 -0.47 13.04
CA GLY A 218 12.31 -1.66 12.24
C GLY A 218 11.04 -2.30 11.73
N VAL A 219 9.88 -1.79 12.11
CA VAL A 219 8.63 -2.33 11.64
C VAL A 219 8.58 -2.35 10.10
N GLN A 220 7.96 -3.40 9.55
CA GLN A 220 7.77 -3.53 8.11
C GLN A 220 6.30 -3.29 7.78
N ILE A 221 6.01 -2.47 6.76
CA ILE A 221 4.66 -1.98 6.50
C ILE A 221 4.31 -2.10 5.02
N GLU A 222 3.09 -2.51 4.74
CA GLU A 222 2.56 -2.50 3.37
C GLU A 222 1.15 -1.95 3.41
N SER A 223 0.84 -1.10 2.43
CA SER A 223 -0.43 -0.38 2.40
CA SER A 223 -0.42 -0.38 2.41
C SER A 223 -1.08 -0.51 1.04
N ALA A 224 -2.40 -0.34 1.03
CA ALA A 224 -3.19 -0.37 -0.19
C ALA A 224 -4.49 0.35 0.09
N LEU A 225 -4.99 1.07 -0.91
CA LEU A 225 -6.27 1.73 -0.88
C LEU A 225 -7.30 0.87 -1.60
N VAL A 226 -8.39 0.56 -0.93
CA VAL A 226 -9.40 -0.34 -1.48
C VAL A 226 -10.78 0.30 -1.41
N GLY A 227 -11.71 -0.27 -2.18
CA GLY A 227 -13.09 0.13 -2.12
C GLY A 227 -13.54 0.82 -3.40
N PRO A 228 -14.87 0.91 -3.57
CA PRO A 228 -15.41 1.52 -4.79
C PRO A 228 -15.15 3.01 -4.88
N GLY A 229 -14.89 3.67 -3.75
CA GLY A 229 -14.60 5.07 -3.82
C GLY A 229 -13.14 5.38 -4.00
N GLY A 230 -12.28 4.38 -4.14
CA GLY A 230 -10.89 4.62 -4.48
C GLY A 230 -10.71 4.55 -5.99
N HIS A 231 -9.98 5.51 -6.54
CA HIS A 231 -9.76 5.62 -7.98
C HIS A 231 -8.34 6.12 -8.28
N MET B 1 11.34 8.16 8.65
CA MET B 1 11.72 7.41 7.41
C MET B 1 11.45 8.25 6.18
N LEU B 2 12.29 8.09 5.16
CA LEU B 2 12.05 8.72 3.86
C LEU B 2 10.87 8.05 3.17
N SER B 3 9.74 8.73 3.10
CA SER B 3 8.61 8.19 2.37
C SER B 3 8.66 8.64 0.91
N VAL B 4 7.88 7.96 0.09
CA VAL B 4 7.68 8.32 -1.31
C VAL B 4 6.19 8.17 -1.59
N LEU B 5 5.58 9.18 -2.19
CA LEU B 5 4.18 9.13 -2.61
C LEU B 5 4.14 9.43 -4.10
N PRO B 6 4.21 8.41 -4.95
CA PRO B 6 4.13 8.67 -6.38
C PRO B 6 2.74 9.15 -6.74
N LEU B 7 2.70 10.07 -7.69
CA LEU B 7 1.47 10.61 -8.21
C LEU B 7 1.31 10.10 -9.62
N ILE B 8 0.14 9.53 -9.92
CA ILE B 8 -0.19 9.07 -11.26
C ILE B 8 -1.19 10.06 -11.80
N ASP B 9 -0.76 10.86 -12.77
CA ASP B 9 -1.62 11.88 -13.36
C ASP B 9 -2.88 11.23 -13.93
N GLN B 10 -4.00 11.95 -13.84
CA GLN B 10 -5.26 11.39 -14.32
C GLN B 10 -5.16 11.01 -15.80
N ALA B 11 -4.41 11.78 -16.58
CA ALA B 11 -4.27 11.50 -18.01
C ALA B 11 -3.56 10.17 -18.26
N VAL B 12 -2.61 9.80 -17.40
CA VAL B 12 -1.99 8.49 -17.55
C VAL B 12 -2.95 7.40 -17.12
N ALA B 13 -3.67 7.63 -16.02
CA ALA B 13 -4.65 6.66 -15.57
C ALA B 13 -5.72 6.41 -16.62
N GLU B 14 -6.13 7.46 -17.33
CA GLU B 14 -7.13 7.27 -18.38
C GLU B 14 -6.52 6.51 -19.55
N LEU B 15 -5.24 6.72 -19.81
CA LEU B 15 -4.57 6.00 -20.89
C LEU B 15 -4.38 4.52 -20.55
N ALA B 16 -4.02 4.20 -19.32
CA ALA B 16 -3.76 2.82 -18.91
C ALA B 16 -4.58 2.49 -17.68
N PRO B 17 -5.88 2.24 -17.84
CA PRO B 17 -6.75 2.10 -16.66
C PRO B 17 -6.47 0.88 -15.82
N GLY B 18 -5.73 -0.10 -16.33
CA GLY B 18 -5.41 -1.28 -15.59
C GLY B 18 -4.06 -1.24 -14.93
N PHE B 19 -3.35 -0.12 -15.01
CA PHE B 19 -2.01 -0.03 -14.44
C PHE B 19 -2.06 -0.20 -12.93
N ARG B 20 -1.22 -1.08 -12.42
CA ARG B 20 -1.04 -1.20 -10.98
C ARG B 20 0.41 -1.47 -10.70
N ALA B 21 0.94 -0.86 -9.64
CA ALA B 21 2.35 -0.97 -9.34
C ALA B 21 2.56 -1.19 -7.85
N LEU B 22 3.65 -1.87 -7.55
CA LEU B 22 4.15 -1.89 -6.16
C LEU B 22 5.26 -0.87 -6.04
N SER B 23 5.09 0.04 -5.11
CA SER B 23 6.06 1.08 -4.78
C SER B 23 6.70 0.66 -3.46
N ILE B 24 7.98 0.32 -3.47
CA ILE B 24 8.71 -0.22 -2.33
C ILE B 24 9.82 0.76 -2.00
N VAL B 25 9.75 1.30 -0.78
CA VAL B 25 10.72 2.27 -0.29
C VAL B 25 11.59 1.57 0.75
N VAL B 26 12.90 1.71 0.60
CA VAL B 26 13.85 0.89 1.33
C VAL B 26 14.86 1.81 1.99
N GLN B 27 15.05 1.59 3.28
CA GLN B 27 16.16 2.18 4.05
C GLN B 27 17.20 1.09 4.11
N ALA B 28 18.32 1.30 3.43
CA ALA B 28 19.33 0.28 3.21
C ALA B 28 20.06 -0.06 4.50
N ALA B 29 20.68 -1.22 4.50
CA ALA B 29 21.56 -1.70 5.55
C ALA B 29 22.82 -2.25 4.92
N PRO B 30 23.85 -2.54 5.71
CA PRO B 30 25.09 -3.04 5.14
C PRO B 30 24.88 -4.31 4.34
N LEU B 31 25.55 -4.41 3.19
CA LEU B 31 25.33 -5.47 2.22
C LEU B 31 26.27 -6.63 2.55
N THR B 32 25.80 -7.58 3.35
CA THR B 32 26.69 -8.61 3.87
C THR B 32 26.64 -9.90 3.08
N GLN B 33 25.65 -10.10 2.21
CA GLN B 33 25.51 -11.34 1.45
C GLN B 33 25.26 -11.01 -0.02
N PRO B 34 26.26 -10.50 -0.74
CA PRO B 34 26.03 -10.13 -2.16
C PRO B 34 25.73 -11.31 -3.07
N GLU B 35 26.18 -12.51 -2.73
CA GLU B 35 25.94 -13.68 -3.58
C GLU B 35 24.46 -13.99 -3.76
N VAL B 36 23.60 -13.48 -2.87
CA VAL B 36 22.16 -13.65 -3.03
C VAL B 36 21.74 -13.20 -4.43
N ALA B 37 22.35 -12.13 -4.92
CA ALA B 37 21.92 -11.58 -6.20
C ALA B 37 22.36 -12.51 -7.32
N ARG B 38 23.53 -13.13 -7.18
CA ARG B 38 24.00 -14.08 -8.18
C ARG B 38 23.08 -15.28 -8.25
N THR B 39 22.71 -15.82 -7.09
CA THR B 39 21.77 -16.94 -7.09
C THR B 39 20.45 -16.51 -7.71
N ALA B 40 19.94 -15.35 -7.33
CA ALA B 40 18.66 -14.89 -7.87
C ALA B 40 18.71 -14.69 -9.38
N LEU B 41 19.79 -14.12 -9.88
CA LEU B 41 19.89 -13.88 -11.31
C LEU B 41 20.01 -15.19 -12.09
N ASP B 42 20.80 -16.15 -11.58
CA ASP B 42 20.88 -17.45 -12.24
C ASP B 42 19.51 -18.10 -12.30
N ARG B 43 18.80 -18.13 -11.17
CA ARG B 43 17.48 -18.76 -11.14
C ARG B 43 16.54 -18.09 -12.12
N ALA B 44 16.56 -16.76 -12.18
CA ALA B 44 15.69 -16.03 -13.09
C ALA B 44 15.97 -16.40 -14.54
N CYS B 45 17.26 -16.40 -14.91
CA CYS B 45 17.64 -16.71 -16.28
C CYS B 45 17.28 -18.15 -16.64
N GLN B 46 17.59 -19.11 -15.75
CA GLN B 46 17.22 -20.50 -16.02
C GLN B 46 15.72 -20.66 -16.20
N SER B 47 14.94 -19.90 -15.43
CA SER B 47 13.49 -20.06 -15.44
C SER B 47 12.85 -19.55 -16.72
N VAL B 48 13.47 -18.56 -17.37
CA VAL B 48 12.94 -17.97 -18.60
C VAL B 48 13.34 -18.77 -19.83
N LEU B 49 14.45 -19.49 -19.77
CA LEU B 49 14.89 -20.25 -20.93
C LEU B 49 13.94 -21.38 -21.29
N ALA B 50 13.13 -21.83 -20.34
CA ALA B 50 12.12 -22.83 -20.61
C ALA B 50 10.84 -22.23 -21.19
N GLY B 51 10.76 -20.90 -21.28
CA GLY B 51 9.62 -20.24 -21.88
C GLY B 51 8.77 -19.45 -20.91
N GLY B 52 9.03 -19.53 -19.60
CA GLY B 52 8.15 -18.90 -18.63
C GLY B 52 8.54 -17.45 -18.38
N PRO B 53 7.81 -16.76 -17.49
CA PRO B 53 6.64 -17.24 -16.75
C PRO B 53 5.40 -17.27 -17.63
N ALA B 54 4.32 -17.88 -17.15
CA ALA B 54 3.17 -18.14 -18.02
C ALA B 54 2.52 -16.85 -18.50
N TRP B 55 2.60 -15.76 -17.73
CA TRP B 55 2.01 -14.49 -18.13
C TRP B 55 2.97 -13.60 -18.92
N GLY B 56 4.21 -14.03 -19.14
CA GLY B 56 5.26 -13.17 -19.66
C GLY B 56 5.00 -12.62 -21.04
N GLU B 57 4.73 -13.50 -22.01
CA GLU B 57 4.48 -13.03 -23.37
C GLU B 57 3.34 -12.03 -23.38
N ALA B 58 2.23 -12.38 -22.71
CA ALA B 58 1.06 -11.50 -22.73
C ALA B 58 1.34 -10.17 -22.02
N HIS B 59 2.12 -10.20 -20.93
CA HIS B 59 2.38 -8.96 -20.20
C HIS B 59 3.27 -8.02 -21.01
N LEU B 60 4.34 -8.55 -21.60
CA LEU B 60 5.20 -7.73 -22.42
C LEU B 60 4.47 -7.25 -23.68
N GLN B 61 3.51 -8.03 -24.16
CA GLN B 61 2.71 -7.52 -25.27
C GLN B 61 1.87 -6.31 -24.84
N GLN B 62 1.28 -6.38 -23.64
CA GLN B 62 0.51 -5.23 -23.16
C GLN B 62 1.40 -4.00 -23.03
N TRP B 63 2.62 -4.19 -22.53
CA TRP B 63 3.54 -3.05 -22.42
C TRP B 63 3.92 -2.51 -23.79
N ALA B 64 4.06 -3.39 -24.79
CA ALA B 64 4.36 -2.89 -26.13
C ALA B 64 3.16 -2.14 -26.69
N ASP B 65 1.93 -2.66 -26.47
CA ASP B 65 0.74 -1.94 -26.90
C ASP B 65 0.63 -0.58 -26.22
N THR B 66 0.96 -0.53 -24.91
CA THR B 66 0.84 0.71 -24.17
C THR B 66 1.86 1.72 -24.69
N PHE B 67 3.08 1.25 -25.02
CA PHE B 67 4.08 2.13 -25.60
C PHE B 67 3.55 2.74 -26.90
N ARG B 68 2.94 1.92 -27.76
CA ARG B 68 2.40 2.48 -29.00
C ARG B 68 1.32 3.52 -28.72
N GLN B 69 0.54 3.31 -27.66
CA GLN B 69 -0.51 4.24 -27.31
C GLN B 69 0.04 5.63 -27.04
N PHE B 70 1.21 5.74 -26.38
CA PHE B 70 1.77 7.06 -26.13
C PHE B 70 2.82 7.48 -27.17
N GLY B 71 2.88 6.78 -28.31
CA GLY B 71 3.64 7.22 -29.45
C GLY B 71 4.99 6.57 -29.64
N ALA B 72 5.37 5.61 -28.80
CA ALA B 72 6.69 5.00 -28.93
C ALA B 72 6.64 3.80 -29.86
N LYS B 73 7.83 3.39 -30.31
CA LYS B 73 8.01 2.18 -31.11
C LYS B 73 8.76 1.14 -30.29
N PRO B 74 8.04 0.23 -29.62
CA PRO B 74 8.71 -0.68 -28.68
C PRO B 74 9.68 -1.62 -29.37
N GLN B 75 9.55 -1.79 -30.68
CA GLN B 75 10.54 -2.59 -31.38
C GLN B 75 11.92 -1.97 -31.27
N ARG B 76 11.99 -0.64 -31.14
CA ARG B 76 13.29 0.01 -30.99
C ARG B 76 13.59 0.35 -29.54
N THR B 77 12.57 0.83 -28.82
CA THR B 77 12.73 1.29 -27.44
C THR B 77 11.69 0.63 -26.54
N PRO B 78 11.96 -0.58 -26.07
CA PRO B 78 10.96 -1.34 -25.31
C PRO B 78 11.04 -1.06 -23.82
N CYS B 79 10.03 -1.55 -23.12
CA CYS B 79 10.07 -1.51 -21.67
C CYS B 79 11.29 -2.27 -21.15
N SER B 80 11.70 -1.93 -19.94
CA SER B 80 12.93 -2.50 -19.40
C SER B 80 12.86 -4.01 -19.28
N ALA B 81 11.66 -4.55 -19.02
CA ALA B 81 11.52 -5.99 -18.85
C ALA B 81 11.79 -6.73 -20.14
N GLU B 82 11.30 -6.18 -21.26
CA GLU B 82 11.55 -6.80 -22.54
C GLU B 82 13.02 -6.68 -22.92
N ALA B 83 13.62 -5.53 -22.67
CA ALA B 83 15.05 -5.40 -22.95
C ALA B 83 15.89 -6.42 -22.18
N LEU B 84 15.52 -6.68 -20.93
CA LEU B 84 16.26 -7.68 -20.16
C LEU B 84 16.00 -9.08 -20.68
N ARG B 85 14.75 -9.38 -21.02
CA ARG B 85 14.43 -10.72 -21.49
C ARG B 85 15.19 -11.04 -22.77
N LYS B 86 15.26 -10.08 -23.70
CA LYS B 86 15.97 -10.33 -24.96
C LYS B 86 17.45 -10.62 -24.70
N ARG B 87 18.09 -9.85 -23.83
CA ARG B 87 19.49 -10.11 -23.51
C ARG B 87 19.64 -11.51 -22.92
N VAL B 88 18.74 -11.91 -22.03
CA VAL B 88 18.82 -13.24 -21.44
C VAL B 88 18.71 -14.31 -22.51
N LEU B 89 17.71 -14.19 -23.38
CA LEU B 89 17.50 -15.24 -24.38
C LEU B 89 18.67 -15.30 -25.35
N ARG B 90 19.24 -14.16 -25.74
CA ARG B 90 20.33 -14.15 -26.71
C ARG B 90 21.67 -14.46 -26.06
N ASP B 91 22.00 -13.80 -24.95
CA ASP B 91 23.33 -13.98 -24.40
C ASP B 91 23.33 -15.26 -23.59
N GLY B 92 24.48 -15.61 -23.03
CA GLY B 92 24.52 -16.74 -22.13
C GLY B 92 23.90 -16.35 -20.80
N GLY B 93 23.32 -15.16 -20.74
CA GLY B 93 22.71 -14.67 -19.51
C GLY B 93 22.51 -13.16 -19.58
N LEU B 94 22.52 -12.56 -18.39
CA LEU B 94 22.53 -11.11 -18.25
C LEU B 94 23.79 -10.77 -17.46
N PRO B 95 24.63 -9.86 -17.95
CA PRO B 95 25.83 -9.50 -17.18
C PRO B 95 25.50 -8.82 -15.86
N SER B 96 26.44 -8.94 -14.92
CA SER B 96 26.32 -8.30 -13.62
C SER B 96 26.77 -6.84 -13.68
N LEU B 97 26.17 -6.02 -12.81
CA LEU B 97 26.65 -4.68 -12.53
C LEU B 97 27.06 -4.57 -11.06
N ASP B 98 26.11 -4.61 -10.13
CA ASP B 98 26.35 -4.61 -8.69
C ASP B 98 25.19 -5.35 -8.06
N PRO B 99 25.32 -5.78 -6.79
CA PRO B 99 24.34 -6.72 -6.25
C PRO B 99 22.91 -6.23 -6.23
N VAL B 100 22.66 -4.97 -5.89
CA VAL B 100 21.27 -4.53 -5.82
C VAL B 100 20.64 -4.53 -7.21
N VAL B 101 21.39 -4.09 -8.21
CA VAL B 101 20.88 -4.07 -9.57
C VAL B 101 20.65 -5.48 -10.10
N ASP B 102 21.61 -6.38 -9.88
CA ASP B 102 21.41 -7.75 -10.31
C ASP B 102 20.15 -8.33 -9.67
N LEU B 103 19.91 -7.99 -8.41
CA LEU B 103 18.74 -8.54 -7.74
C LEU B 103 17.46 -8.04 -8.37
N TYR B 104 17.33 -6.72 -8.60
CA TYR B 104 16.04 -6.27 -9.10
C TYR B 104 15.90 -6.58 -10.59
N ASN B 105 17.00 -6.64 -11.33
CA ASN B 105 16.94 -7.18 -12.68
C ASN B 105 16.48 -8.63 -12.66
N ALA B 106 17.00 -9.42 -11.71
CA ALA B 106 16.59 -10.83 -11.59
C ALA B 106 15.07 -10.95 -11.43
N ILE B 107 14.49 -10.13 -10.55
CA ILE B 107 13.05 -10.15 -10.35
C ILE B 107 12.34 -9.79 -11.65
N SER B 108 12.84 -8.77 -12.36
CA SER B 108 12.21 -8.38 -13.63
C SER B 108 12.20 -9.52 -14.63
N ILE B 109 13.28 -10.30 -14.66
CA ILE B 109 13.41 -11.40 -15.59
C ILE B 109 12.48 -12.55 -15.19
N GLU B 110 12.61 -13.01 -13.94
CA GLU B 110 11.83 -14.15 -13.53
C GLU B 110 10.34 -13.88 -13.61
N TYR B 111 9.90 -12.67 -13.26
CA TYR B 111 8.47 -12.37 -13.23
C TYR B 111 7.99 -11.52 -14.39
N ALA B 112 8.84 -11.32 -15.40
CA ALA B 112 8.47 -10.63 -16.65
C ALA B 112 7.69 -9.35 -16.36
N ILE B 113 8.34 -8.47 -15.60
CA ILE B 113 7.70 -7.25 -15.11
C ILE B 113 8.73 -6.14 -15.10
N PRO B 114 8.42 -4.93 -15.59
CA PRO B 114 9.36 -3.81 -15.39
C PRO B 114 9.60 -3.52 -13.92
N VAL B 115 10.89 -3.37 -13.56
CA VAL B 115 11.28 -3.04 -12.18
C VAL B 115 12.32 -1.93 -12.27
N GLY B 116 12.02 -0.80 -11.67
CA GLY B 116 12.89 0.38 -11.72
C GLY B 116 13.43 0.60 -10.32
N GLY B 117 14.70 0.97 -10.24
CA GLY B 117 15.30 1.27 -8.95
C GLY B 117 15.93 2.65 -9.01
N GLU B 118 15.61 3.50 -8.03
CA GLU B 118 16.10 4.87 -8.01
C GLU B 118 16.52 5.32 -6.61
N ASN B 119 17.38 6.32 -6.59
CA ASN B 119 17.84 6.96 -5.35
C ASN B 119 16.87 8.06 -4.94
N ILE B 120 16.15 7.83 -3.84
CA ILE B 120 15.13 8.79 -3.41
C ILE B 120 15.73 10.16 -3.12
N GLU B 121 16.95 10.17 -2.56
CA GLU B 121 17.55 11.44 -2.15
C GLU B 121 17.71 12.39 -3.33
N ALA B 122 17.88 11.86 -4.54
CA ALA B 122 18.08 12.70 -5.71
C ALA B 122 16.79 13.31 -6.22
N TYR B 123 15.64 12.81 -5.81
CA TYR B 123 14.38 13.38 -6.25
C TYR B 123 14.17 14.77 -5.66
N VAL B 124 13.67 15.68 -6.49
CA VAL B 124 13.23 17.00 -6.06
C VAL B 124 11.71 16.99 -6.04
N GLY B 125 11.13 16.85 -4.86
CA GLY B 125 9.71 16.67 -4.78
C GLY B 125 9.31 15.23 -5.05
N SER B 126 8.08 15.04 -5.23
CA SER B 126 7.57 13.68 -5.35
C SER B 126 7.69 13.17 -6.79
N PRO B 127 7.83 11.86 -6.96
CA PRO B 127 7.77 11.29 -8.32
C PRO B 127 6.36 11.42 -8.88
N ARG B 128 6.27 11.79 -10.16
CA ARG B 128 4.97 11.93 -10.80
C ARG B 128 4.99 11.28 -12.18
N LEU B 129 3.97 10.49 -12.47
CA LEU B 129 3.84 9.82 -13.76
C LEU B 129 2.88 10.66 -14.60
N VAL B 130 3.40 11.21 -15.70
CA VAL B 130 2.67 12.23 -16.45
C VAL B 130 2.80 11.98 -17.95
N ILE B 131 1.96 12.68 -18.71
CA ILE B 131 2.10 12.81 -20.15
C ILE B 131 2.98 14.03 -20.42
N ALA B 132 4.14 13.81 -21.04
CA ALA B 132 5.06 14.91 -21.31
C ALA B 132 4.51 15.84 -22.38
N ASP B 133 4.89 17.13 -22.28
CA ASP B 133 4.60 18.11 -23.32
C ASP B 133 5.78 18.29 -24.28
N GLY B 134 6.93 17.67 -24.00
CA GLY B 134 8.03 17.64 -24.93
C GLY B 134 9.13 18.64 -24.66
N SER B 135 8.99 19.46 -23.61
CA SER B 135 9.97 20.49 -23.26
C SER B 135 10.62 20.22 -21.92
N GLU B 136 10.48 19.01 -21.41
CA GLU B 136 11.02 18.67 -20.10
C GLU B 136 12.44 18.15 -20.24
N PRO B 137 13.44 18.81 -19.65
CA PRO B 137 14.81 18.28 -19.73
C PRO B 137 14.98 16.91 -19.07
N PHE B 138 15.79 16.09 -19.72
CA PHE B 138 16.12 14.72 -19.27
C PHE B 138 17.64 14.64 -19.25
N ASP B 139 18.23 14.51 -18.06
CA ASP B 139 19.68 14.41 -17.95
C ASP B 139 20.07 12.95 -18.20
N THR B 140 20.78 12.70 -19.29
CA THR B 140 21.08 11.34 -19.70
C THR B 140 22.51 11.29 -20.23
N MET B 141 22.79 10.29 -21.07
CA MET B 141 24.11 10.08 -21.63
C MET B 141 24.00 9.91 -23.14
N LYS B 142 24.99 10.42 -23.86
CA LYS B 142 25.15 10.15 -25.28
C LYS B 142 26.63 10.25 -25.60
N GLU B 143 27.15 9.27 -26.34
CA GLU B 143 28.58 9.19 -26.69
C GLU B 143 29.47 9.30 -25.45
N GLY B 144 29.05 8.67 -24.36
CA GLY B 144 29.88 8.67 -23.19
C GLY B 144 30.03 10.02 -22.53
N ALA B 145 29.22 10.99 -22.89
CA ALA B 145 29.21 12.30 -22.26
C ALA B 145 27.82 12.63 -21.75
N PRO B 146 27.71 13.53 -20.77
CA PRO B 146 26.40 14.01 -20.35
C PRO B 146 25.61 14.55 -21.53
N ALA B 147 24.28 14.46 -21.41
CA ALA B 147 23.38 14.93 -22.46
C ALA B 147 22.13 15.53 -21.83
N HIS B 148 21.59 16.55 -22.48
CA HIS B 148 20.35 17.20 -22.06
C HIS B 148 19.35 16.94 -23.17
N GLU B 149 18.40 16.05 -22.94
CA GLU B 149 17.50 15.62 -24.00
C GLU B 149 16.06 15.92 -23.59
N PHE B 150 15.14 15.65 -24.54
CA PHE B 150 13.71 15.87 -24.36
C PHE B 150 12.95 14.57 -24.59
N PRO B 151 11.89 14.33 -23.83
CA PRO B 151 10.89 13.33 -24.25
C PRO B 151 10.11 13.87 -25.45
N ASP B 152 9.40 12.97 -26.14
CA ASP B 152 8.50 13.42 -27.20
C ASP B 152 7.19 13.92 -26.62
N ALA B 153 6.53 14.82 -27.34
CA ALA B 153 5.21 15.25 -26.89
C ALA B 153 4.28 14.05 -26.87
N GLY B 154 3.56 13.88 -25.76
CA GLY B 154 2.66 12.73 -25.58
C GLY B 154 3.29 11.52 -24.92
N GLU B 155 4.61 11.49 -24.80
CA GLU B 155 5.30 10.37 -24.15
C GLU B 155 4.97 10.32 -22.67
N VAL B 156 4.72 9.12 -22.16
CA VAL B 156 4.55 8.94 -20.71
C VAL B 156 5.93 8.94 -20.06
N VAL B 157 6.08 9.71 -19.00
CA VAL B 157 7.37 9.82 -18.33
C VAL B 157 7.15 9.88 -16.83
N TRP B 158 8.13 9.36 -16.07
CA TRP B 158 8.26 9.74 -14.67
C TRP B 158 9.08 11.02 -14.61
N ARG B 159 8.67 11.93 -13.74
CA ARG B 159 9.37 13.21 -13.55
C ARG B 159 9.28 13.63 -12.10
N ASP B 160 10.10 14.62 -11.74
CA ASP B 160 9.97 15.32 -10.46
C ASP B 160 9.85 16.81 -10.78
N ASP B 161 10.04 17.66 -9.77
CA ASP B 161 9.96 19.09 -9.98
C ASP B 161 11.04 19.60 -10.95
N GLN B 162 12.19 18.93 -11.02
CA GLN B 162 13.26 19.40 -11.90
C GLN B 162 13.04 18.98 -13.36
N GLY B 163 12.72 17.72 -13.61
CA GLY B 163 12.62 17.27 -14.98
C GLY B 163 12.31 15.79 -15.06
N VAL B 164 12.46 15.23 -16.27
CA VAL B 164 12.19 13.82 -16.48
C VAL B 164 13.22 12.98 -15.75
N THR B 165 12.75 11.96 -15.05
CA THR B 165 13.61 10.98 -14.40
C THR B 165 13.59 9.60 -15.05
N CYS B 166 12.54 9.26 -15.80
CA CYS B 166 12.55 8.02 -16.57
C CYS B 166 11.78 8.28 -17.84
N ARG B 167 12.40 8.03 -18.99
CA ARG B 167 11.74 8.30 -20.27
C ARG B 167 10.96 7.08 -20.73
N ARG B 168 9.95 7.36 -21.55
CA ARG B 168 9.08 6.33 -22.11
C ARG B 168 8.65 5.32 -21.05
N TRP B 169 8.15 5.87 -19.93
CA TRP B 169 7.59 5.15 -18.79
C TRP B 169 8.63 4.37 -18.00
N ASN B 170 9.18 3.29 -18.58
CA ASN B 170 10.18 2.45 -17.93
C ASN B 170 11.23 2.02 -18.96
N TRP B 171 11.45 2.80 -20.02
CA TRP B 171 12.46 2.44 -21.01
C TRP B 171 13.86 2.79 -20.55
N ARG B 172 14.08 4.00 -20.04
CA ARG B 172 15.42 4.42 -19.66
C ARG B 172 15.37 5.42 -18.52
N GLN B 173 16.10 5.10 -17.45
CA GLN B 173 16.26 6.00 -16.31
CA GLN B 173 16.24 6.02 -16.32
C GLN B 173 17.30 7.07 -16.62
N GLY B 174 17.09 8.24 -16.05
CA GLY B 174 18.07 9.31 -16.17
C GLY B 174 19.26 9.08 -15.27
N VAL B 175 20.27 9.93 -15.42
CA VAL B 175 21.50 9.77 -14.63
C VAL B 175 21.32 10.28 -13.20
N ARG B 176 20.54 11.35 -13.04
CA ARG B 176 20.44 12.06 -11.78
C ARG B 176 19.94 11.18 -10.66
N THR B 177 18.99 10.30 -10.94
CA THR B 177 18.36 9.49 -9.89
C THR B 177 18.84 8.05 -9.86
N ARG B 178 19.88 7.70 -10.61
CA ARG B 178 20.38 6.34 -10.65
C ARG B 178 20.79 5.85 -9.27
N LEU B 179 20.65 4.54 -9.04
CA LEU B 179 20.98 3.88 -7.79
C LEU B 179 22.43 3.42 -7.86
N ASP B 180 23.27 3.96 -6.99
CA ASP B 180 24.67 3.55 -6.96
C ASP B 180 24.93 2.64 -5.77
N ALA B 181 26.22 2.35 -5.54
CA ALA B 181 26.62 1.31 -4.60
C ALA B 181 26.11 1.59 -3.19
N ASP B 182 26.32 2.81 -2.68
CA ASP B 182 26.08 3.08 -1.28
C ASP B 182 24.83 3.94 -1.02
N ALA B 183 23.84 3.85 -1.88
CA ALA B 183 22.62 4.60 -1.61
C ALA B 183 21.93 4.06 -0.37
N ARG B 184 21.49 4.96 0.48
CA ARG B 184 20.84 4.57 1.73
C ARG B 184 19.33 4.56 1.61
N HIS B 185 18.76 5.23 0.60
CA HIS B 185 17.31 5.38 0.48
C HIS B 185 16.91 5.06 -0.95
N MET B 186 16.34 3.88 -1.14
CA MET B 186 16.05 3.36 -2.47
CA MET B 186 16.05 3.37 -2.47
C MET B 186 14.56 3.26 -2.70
N TRP B 187 14.14 3.55 -3.93
CA TRP B 187 12.75 3.40 -4.35
C TRP B 187 12.73 2.38 -5.48
N PHE B 188 11.95 1.33 -5.33
CA PHE B 188 11.73 0.35 -6.39
C PHE B 188 10.28 0.44 -6.84
N ILE B 189 10.06 0.50 -8.15
CA ILE B 189 8.71 0.61 -8.70
C ILE B 189 8.52 -0.57 -9.65
N LEU B 190 7.61 -1.48 -9.26
CA LEU B 190 7.31 -2.70 -9.99
C LEU B 190 6.01 -2.45 -10.75
N GLU B 191 6.07 -2.34 -12.07
CA GLU B 191 4.96 -1.77 -12.85
C GLU B 191 4.28 -2.84 -13.68
N SER B 192 2.95 -2.95 -13.51
CA SER B 192 2.22 -4.03 -14.14
C SER B 192 0.93 -3.56 -14.79
N LEU B 193 0.49 -4.40 -15.72
CA LEU B 193 -0.76 -4.25 -16.45
C LEU B 193 -1.53 -5.56 -16.27
N PRO B 194 -2.82 -5.58 -16.61
CA PRO B 194 -3.70 -6.67 -16.10
C PRO B 194 -3.37 -8.07 -16.58
N ALA B 195 -2.64 -8.24 -17.68
CA ALA B 195 -2.24 -9.59 -18.08
C ALA B 195 -1.33 -10.27 -17.07
N MET B 196 -0.68 -9.50 -16.19
CA MET B 196 0.03 -10.09 -15.07
C MET B 196 -0.90 -10.16 -13.88
N PRO B 197 -1.23 -11.34 -13.37
CA PRO B 197 -2.18 -11.39 -12.27
C PRO B 197 -1.63 -10.67 -11.05
N LEU B 198 -2.55 -10.14 -10.26
CA LEU B 198 -2.16 -9.45 -9.03
C LEU B 198 -1.34 -10.36 -8.11
N GLU B 199 -1.68 -11.63 -8.04
CA GLU B 199 -0.90 -12.51 -7.17
C GLU B 199 0.54 -12.66 -7.68
N ALA B 200 0.75 -12.55 -8.99
CA ALA B 200 2.10 -12.60 -9.51
C ALA B 200 2.86 -11.32 -9.18
N LEU B 201 2.19 -10.16 -9.24
CA LEU B 201 2.83 -8.93 -8.83
C LEU B 201 3.26 -9.01 -7.37
N THR B 202 2.36 -9.52 -6.52
CA THR B 202 2.66 -9.71 -5.11
C THR B 202 3.86 -10.60 -4.92
N GLU B 203 3.90 -11.72 -5.63
CA GLU B 203 5.02 -12.65 -5.53
C GLU B 203 6.34 -11.97 -5.93
N ALA B 204 6.32 -11.20 -7.01
CA ALA B 204 7.53 -10.49 -7.44
C ALA B 204 8.01 -9.55 -6.37
N GLY B 205 7.09 -8.80 -5.77
CA GLY B 205 7.46 -7.90 -4.70
C GLY B 205 7.98 -8.63 -3.49
N ASP B 206 7.31 -9.74 -3.10
CA ASP B 206 7.78 -10.49 -1.96
C ASP B 206 9.16 -11.06 -2.22
N ARG B 207 9.41 -11.50 -3.46
CA ARG B 207 10.70 -12.08 -3.80
C ARG B 207 11.82 -11.03 -3.78
N LEU B 208 11.50 -9.79 -4.20
CA LEU B 208 12.46 -8.69 -4.10
C LEU B 208 12.76 -8.34 -2.65
N ILE B 209 11.74 -8.24 -1.81
CA ILE B 209 11.94 -7.87 -0.41
C ILE B 209 12.73 -8.95 0.32
N GLU B 210 12.38 -10.21 0.10
CA GLU B 210 13.10 -11.30 0.76
C GLU B 210 14.55 -11.33 0.31
N GLY B 211 14.81 -11.05 -0.96
CA GLY B 211 16.19 -10.97 -1.40
C GLY B 211 16.92 -9.83 -0.74
N LEU B 212 16.26 -8.69 -0.57
CA LEU B 212 16.90 -7.56 0.09
C LEU B 212 17.20 -7.91 1.53
N GLN B 213 16.26 -8.58 2.19
CA GLN B 213 16.44 -8.93 3.59
C GLN B 213 17.54 -9.96 3.78
N ALA B 214 17.76 -10.83 2.80
CA ALA B 214 18.86 -11.77 2.87
C ALA B 214 20.19 -11.10 2.56
N MET B 215 20.18 -10.19 1.58
CA MET B 215 21.41 -9.54 1.12
C MET B 215 21.90 -8.51 2.12
N MET B 216 21.00 -7.68 2.63
CA MET B 216 21.34 -6.64 3.60
C MET B 216 20.45 -6.79 4.83
N PRO B 217 20.75 -7.75 5.69
CA PRO B 217 19.96 -7.89 6.92
C PRO B 217 19.88 -6.56 7.67
N GLY B 218 18.71 -6.30 8.24
CA GLY B 218 18.44 -5.04 8.90
C GLY B 218 17.78 -3.99 8.03
N VAL B 219 17.60 -4.26 6.73
CA VAL B 219 16.89 -3.32 5.88
C VAL B 219 15.48 -3.09 6.44
N GLN B 220 14.99 -1.86 6.28
CA GLN B 220 13.63 -1.49 6.67
C GLN B 220 12.85 -1.14 5.41
N ILE B 221 11.58 -1.56 5.36
CA ILE B 221 10.79 -1.55 4.13
C ILE B 221 9.40 -1.01 4.40
N GLU B 222 8.94 -0.14 3.49
CA GLU B 222 7.56 0.33 3.46
C GLU B 222 7.07 0.29 2.02
N SER B 223 6.02 -0.46 1.75
CA SER B 223 5.56 -0.62 0.38
C SER B 223 4.10 -0.21 0.23
N ALA B 224 3.73 0.18 -0.98
CA ALA B 224 2.36 0.59 -1.27
C ALA B 224 1.95 0.05 -2.64
N LEU B 225 0.70 -0.39 -2.76
CA LEU B 225 0.12 -0.74 -4.05
C LEU B 225 -0.57 0.50 -4.57
N VAL B 226 -0.19 0.94 -5.77
CA VAL B 226 -0.69 2.18 -6.34
C VAL B 226 -1.18 1.96 -7.77
N GLY B 227 -1.96 2.92 -8.27
CA GLY B 227 -2.40 2.93 -9.63
C GLY B 227 -3.88 2.70 -9.82
N PRO B 228 -4.41 3.03 -11.01
CA PRO B 228 -5.86 2.86 -11.24
C PRO B 228 -6.34 1.43 -11.21
N GLY B 229 -5.47 0.46 -11.47
CA GLY B 229 -5.85 -0.94 -11.42
C GLY B 229 -5.61 -1.62 -10.11
N GLY B 230 -5.33 -0.87 -9.04
CA GLY B 230 -4.84 -1.43 -7.78
C GLY B 230 -5.87 -1.41 -6.67
N HIS B 231 -7.12 -1.08 -6.97
CA HIS B 231 -8.10 -0.86 -5.92
C HIS B 231 -9.18 -1.95 -5.94
#